data_3LPB
#
_entry.id   3LPB
#
_cell.length_a   112.390
_cell.length_b   112.390
_cell.length_c   70.651
_cell.angle_alpha   90.00
_cell.angle_beta   90.00
_cell.angle_gamma   90.00
#
_symmetry.space_group_name_H-M   'P 41'
#
loop_
_entity.id
_entity.type
_entity.pdbx_description
1 polymer 'Tyrosine-protein kinase JAK2'
2 non-polymer N-methyl-4-[3-(3,4,5-trimethoxyphenyl)quinoxalin-5-yl]benzenesulfonamide
3 water water
#
_entity_poly.entity_id   1
_entity_poly.type   'polypeptide(L)'
_entity_poly.pdbx_seq_one_letter_code
;GSDPTQFEERHLKFLQQLGKGNFGSVEMCRYDPLQDNTGEVVAVKKLQHSTEEHLRDFEREIEILKSLQHDNIVKYKGVC
YSAGRRNLKLIMEYLPYGSLRDYLQKHKERIDHIKLLQYTSQICKGMEYLGTKRYIHRDLATRNILVENENRVKIGDFGL
TKVLPQDKE(PTR)(PTR)KVKEPGESPIFWYAPESLTESKFSVASDVWSFGVVLYELFTYIEKSKSPPAEFMRMIGNDK
QGQMIVFHLIELLKNNGRLPRPDGCPDEIYMIMTECWNNNVNQRPSFRDLALRVDQIRDNMAG
;
_entity_poly.pdbx_strand_id   A,B
#
loop_
_chem_comp.id
_chem_comp.type
_chem_comp.name
_chem_comp.formula
NVB non-polymer N-methyl-4-[3-(3,4,5-trimethoxyphenyl)quinoxalin-5-yl]benzenesulfonamide 'C24 H23 N3 O5 S'
#
# COMPACT_ATOMS: atom_id res chain seq x y z
N THR A 5 0.00 14.29 -42.37
CA THR A 5 -0.51 14.97 -41.13
C THR A 5 -1.79 15.80 -41.41
N GLN A 6 -2.31 15.69 -42.63
CA GLN A 6 -3.64 16.21 -42.95
C GLN A 6 -4.55 15.00 -43.13
N PHE A 7 -5.61 14.93 -42.32
CA PHE A 7 -6.50 13.80 -42.34
C PHE A 7 -7.82 14.26 -42.94
N GLU A 8 -8.39 13.43 -43.82
CA GLU A 8 -9.66 13.77 -44.45
C GLU A 8 -10.84 13.31 -43.63
N GLU A 9 -11.69 14.27 -43.26
CA GLU A 9 -12.90 14.02 -42.49
C GLU A 9 -13.73 12.83 -43.02
N ARG A 10 -13.87 12.73 -44.33
CA ARG A 10 -14.70 11.66 -44.88
C ARG A 10 -14.18 10.27 -44.52
N HIS A 11 -12.87 10.14 -44.25
CA HIS A 11 -12.27 8.83 -43.94
C HIS A 11 -12.15 8.47 -42.45
N LEU A 12 -12.59 9.38 -41.56
CA LEU A 12 -12.66 9.09 -40.12
C LEU A 12 -13.98 8.45 -39.78
N LYS A 13 -13.90 7.22 -39.28
CA LYS A 13 -15.09 6.47 -38.90
C LYS A 13 -15.22 6.49 -37.38
N PHE A 14 -16.34 7.03 -36.88
CA PHE A 14 -16.58 7.11 -35.45
C PHE A 14 -16.74 5.72 -34.84
N LEU A 15 -16.10 5.50 -33.68
CA LEU A 15 -16.23 4.23 -32.94
C LEU A 15 -16.84 4.42 -31.57
N GLN A 16 -16.32 5.37 -30.79
CA GLN A 16 -16.92 5.65 -29.51
C GLN A 16 -16.39 6.96 -28.96
N GLN A 17 -17.21 7.54 -28.09
CA GLN A 17 -16.86 8.72 -27.32
C GLN A 17 -15.86 8.32 -26.23
N LEU A 18 -14.73 9.01 -26.09
CA LEU A 18 -13.75 8.67 -25.03
C LEU A 18 -13.86 9.57 -23.83
N GLY A 19 -14.26 10.81 -24.02
CA GLY A 19 -14.48 11.63 -22.85
C GLY A 19 -14.74 13.05 -23.26
N LYS A 20 -15.22 13.84 -22.29
CA LYS A 20 -15.30 15.30 -22.40
C LYS A 20 -14.47 15.93 -21.26
N GLY A 21 -13.98 17.16 -21.47
CA GLY A 21 -13.27 17.94 -20.44
C GLY A 21 -12.82 19.28 -20.98
N ASN A 22 -12.83 20.33 -20.15
CA ASN A 22 -12.38 21.69 -20.54
C ASN A 22 -12.79 22.14 -21.96
N PHE A 23 -14.09 22.04 -22.28
CA PHE A 23 -14.66 22.46 -23.60
C PHE A 23 -14.25 21.62 -24.83
N GLY A 24 -13.39 20.60 -24.59
CA GLY A 24 -13.00 19.65 -25.63
C GLY A 24 -13.68 18.30 -25.48
N SER A 25 -13.71 17.53 -26.57
CA SER A 25 -14.32 16.20 -26.56
C SER A 25 -13.42 15.32 -27.40
N VAL A 26 -13.29 14.06 -27.00
CA VAL A 26 -12.37 13.12 -27.65
C VAL A 26 -13.10 11.83 -28.07
N GLU A 27 -12.87 11.42 -29.30
CA GLU A 27 -13.48 10.21 -29.83
C GLU A 27 -12.43 9.19 -30.26
N MET A 28 -12.78 7.92 -30.19
CA MET A 28 -12.02 6.88 -30.86
C MET A 28 -12.60 6.75 -32.27
N CYS A 29 -11.74 6.91 -33.27
CA CYS A 29 -12.11 6.74 -34.69
C CYS A 29 -11.13 5.82 -35.40
N ARG A 30 -11.61 5.21 -36.50
CA ARG A 30 -10.68 4.51 -37.38
C ARG A 30 -10.45 5.39 -38.59
N TYR A 31 -9.20 5.68 -38.90
CA TYR A 31 -8.91 6.47 -40.08
C TYR A 31 -8.66 5.48 -41.19
N ASP A 32 -9.63 5.37 -42.10
CA ASP A 32 -9.66 4.28 -43.08
C ASP A 32 -9.80 4.81 -44.53
N PRO A 33 -8.75 5.53 -45.03
CA PRO A 33 -8.94 6.16 -46.34
C PRO A 33 -9.13 5.15 -47.50
N LEU A 34 -8.70 3.91 -47.33
CA LEU A 34 -8.94 2.89 -48.37
C LEU A 34 -10.30 2.22 -48.22
N GLN A 35 -11.06 2.61 -47.20
CA GLN A 35 -12.43 2.11 -47.02
C GLN A 35 -12.50 0.59 -47.05
N ASP A 36 -11.43 -0.07 -46.64
CA ASP A 36 -11.38 -1.53 -46.61
C ASP A 36 -11.19 -2.06 -45.18
N ASN A 37 -11.46 -1.23 -44.18
CA ASN A 37 -11.27 -1.63 -42.79
C ASN A 37 -9.81 -2.07 -42.48
N THR A 38 -8.81 -1.36 -43.02
CA THR A 38 -7.39 -1.60 -42.68
C THR A 38 -6.67 -0.39 -42.04
N GLY A 39 -7.37 0.71 -41.84
CA GLY A 39 -6.73 1.91 -41.29
C GLY A 39 -6.51 1.81 -39.80
N GLU A 40 -5.62 2.64 -39.26
CA GLU A 40 -5.38 2.61 -37.83
C GLU A 40 -6.46 3.32 -37.04
N VAL A 41 -6.65 2.84 -35.81
CA VAL A 41 -7.49 3.51 -34.86
C VAL A 41 -6.68 4.71 -34.27
N VAL A 42 -7.34 5.86 -34.13
CA VAL A 42 -6.69 7.09 -33.65
C VAL A 42 -7.65 7.78 -32.68
N ALA A 43 -7.13 8.72 -31.91
CA ALA A 43 -7.93 9.56 -31.03
C ALA A 43 -8.14 10.88 -31.70
N VAL A 44 -9.35 11.41 -31.59
CA VAL A 44 -9.72 12.63 -32.30
C VAL A 44 -10.33 13.59 -31.31
N LYS A 45 -9.70 14.74 -31.15
CA LYS A 45 -10.19 15.76 -30.22
C LYS A 45 -10.84 16.92 -31.00
N LYS A 46 -12.01 17.35 -30.53
CA LYS A 46 -12.74 18.46 -31.17
C LYS A 46 -13.29 19.39 -30.10
N LEU A 47 -13.65 20.61 -30.48
CA LEU A 47 -14.36 21.50 -29.54
C LEU A 47 -15.81 21.04 -29.33
N GLN A 48 -16.27 21.05 -28.07
CA GLN A 48 -17.67 20.72 -27.77
C GLN A 48 -18.66 21.69 -28.45
N HIS A 49 -18.29 22.97 -28.49
CA HIS A 49 -18.99 24.01 -29.27
C HIS A 49 -17.96 25.07 -29.69
N SER A 50 -17.84 25.32 -30.99
CA SER A 50 -16.76 26.18 -31.51
C SER A 50 -17.03 27.70 -31.49
N THR A 51 -16.60 28.38 -30.41
CA THR A 51 -16.47 29.85 -30.37
C THR A 51 -15.28 30.26 -31.24
N GLU A 52 -15.15 31.56 -31.51
CA GLU A 52 -13.92 32.09 -32.12
C GLU A 52 -12.78 32.14 -31.08
N GLU A 53 -13.14 32.48 -29.83
CA GLU A 53 -12.21 32.50 -28.70
C GLU A 53 -11.68 31.08 -28.39
N HIS A 54 -12.61 30.13 -28.25
CA HIS A 54 -12.26 28.73 -28.06
C HIS A 54 -11.51 28.13 -29.25
N LEU A 55 -11.81 28.59 -30.47
CA LEU A 55 -11.10 28.11 -31.65
C LEU A 55 -9.64 28.53 -31.61
N ARG A 56 -9.40 29.77 -31.17
CA ARG A 56 -8.04 30.30 -31.05
C ARG A 56 -7.23 29.59 -29.96
N ASP A 57 -7.85 29.30 -28.81
CA ASP A 57 -7.19 28.47 -27.78
C ASP A 57 -6.87 27.10 -28.35
N PHE A 58 -7.80 26.52 -29.10
CA PHE A 58 -7.59 25.17 -29.65
C PHE A 58 -6.43 25.16 -30.61
N GLU A 59 -6.30 26.21 -31.42
CA GLU A 59 -5.18 26.25 -32.34
C GLU A 59 -3.84 26.33 -31.63
N ARG A 60 -3.81 27.03 -30.50
CA ARG A 60 -2.56 27.12 -29.72
C ARG A 60 -2.24 25.76 -29.06
N GLU A 61 -3.28 25.10 -28.56
CA GLU A 61 -3.13 23.75 -27.97
C GLU A 61 -2.53 22.80 -28.97
N ILE A 62 -3.03 22.83 -30.22
CA ILE A 62 -2.48 21.98 -31.29
C ILE A 62 -0.99 22.26 -31.52
N GLU A 63 -0.64 23.54 -31.58
CA GLU A 63 0.76 23.97 -31.77
C GLU A 63 1.65 23.47 -30.66
N ILE A 64 1.18 23.61 -29.43
CA ILE A 64 1.89 23.07 -28.26
C ILE A 64 2.10 21.56 -28.40
N LEU A 65 1.05 20.80 -28.68
CA LEU A 65 1.22 19.33 -28.74
C LEU A 65 2.20 18.95 -29.83
N LYS A 66 2.03 19.58 -30.98
CA LYS A 66 2.91 19.34 -32.13
C LYS A 66 4.39 19.61 -31.80
N SER A 67 4.66 20.62 -30.97
CA SER A 67 6.04 20.95 -30.61
C SER A 67 6.65 19.98 -29.60
N LEU A 68 5.84 19.08 -29.03
CA LEU A 68 6.35 18.14 -28.03
C LEU A 68 6.64 16.74 -28.63
N GLN A 69 7.85 16.24 -28.43
CA GLN A 69 8.21 14.86 -28.80
C GLN A 69 8.93 14.20 -27.63
N HIS A 70 8.22 13.31 -26.94
CA HIS A 70 8.79 12.72 -25.73
C HIS A 70 8.04 11.42 -25.48
N ASP A 71 8.76 10.41 -25.00
CA ASP A 71 8.14 9.11 -24.66
C ASP A 71 6.94 9.19 -23.72
N ASN A 72 6.90 10.22 -22.89
CA ASN A 72 5.82 10.34 -21.90
C ASN A 72 4.85 11.49 -22.20
N ILE A 73 4.70 11.78 -23.47
CA ILE A 73 3.73 12.74 -23.95
C ILE A 73 3.02 12.13 -25.15
N VAL A 74 1.69 12.18 -25.13
CA VAL A 74 0.91 11.57 -26.24
C VAL A 74 1.31 12.15 -27.63
N LYS A 75 1.43 11.27 -28.63
CA LYS A 75 1.89 11.68 -29.95
C LYS A 75 0.84 12.41 -30.77
N TYR A 76 1.22 13.61 -31.20
CA TYR A 76 0.50 14.35 -32.21
C TYR A 76 0.58 13.56 -33.50
N LYS A 77 -0.52 13.44 -34.23
CA LYS A 77 -0.46 12.83 -35.57
C LYS A 77 -0.80 13.81 -36.70
N GLY A 78 -1.72 14.73 -36.43
CA GLY A 78 -2.10 15.72 -37.45
C GLY A 78 -3.36 16.43 -37.08
N VAL A 79 -3.95 17.08 -38.09
CA VAL A 79 -5.20 17.80 -37.97
C VAL A 79 -6.15 17.43 -39.11
N CYS A 80 -7.42 17.67 -38.86
CA CYS A 80 -8.47 17.46 -39.85
C CYS A 80 -9.33 18.72 -39.79
N TYR A 81 -9.48 19.38 -40.94
CA TYR A 81 -10.34 20.57 -41.06
C TYR A 81 -11.01 20.60 -42.42
N ASN A 87 -14.46 23.32 -38.67
CA ASN A 87 -14.55 22.27 -37.68
C ASN A 87 -13.17 21.61 -37.51
N LEU A 88 -12.28 22.29 -36.78
CA LEU A 88 -10.90 21.82 -36.65
C LEU A 88 -10.82 20.62 -35.68
N LYS A 89 -10.08 19.58 -36.08
CA LYS A 89 -9.93 18.36 -35.27
C LYS A 89 -8.44 18.01 -35.08
N LEU A 90 -8.07 17.69 -33.84
CA LEU A 90 -6.71 17.26 -33.48
C LEU A 90 -6.65 15.72 -33.50
N ILE A 91 -5.70 15.18 -34.26
CA ILE A 91 -5.57 13.72 -34.42
C ILE A 91 -4.35 13.27 -33.65
N MET A 92 -4.57 12.31 -32.75
CA MET A 92 -3.51 11.78 -31.90
C MET A 92 -3.46 10.27 -31.97
N GLU A 93 -2.31 9.70 -31.60
CA GLU A 93 -2.25 8.23 -31.37
C GLU A 93 -3.32 7.85 -30.33
N TYR A 94 -3.86 6.65 -30.48
CA TYR A 94 -4.81 6.06 -29.51
C TYR A 94 -4.02 5.17 -28.54
N LEU A 95 -4.17 5.42 -27.25
CA LEU A 95 -3.50 4.65 -26.24
C LEU A 95 -4.49 3.66 -25.62
N PRO A 96 -4.23 2.35 -25.81
CA PRO A 96 -5.32 1.37 -25.65
C PRO A 96 -5.79 1.11 -24.22
N TYR A 97 -4.99 1.49 -23.21
CA TYR A 97 -5.42 1.26 -21.83
C TYR A 97 -6.14 2.43 -21.19
N GLY A 98 -6.37 3.51 -21.93
CA GLY A 98 -7.22 4.57 -21.37
C GLY A 98 -6.51 5.43 -20.31
N SER A 99 -7.29 6.10 -19.47
N SER A 99 -7.29 6.10 -19.48
CA SER A 99 -6.75 7.02 -18.45
CA SER A 99 -6.76 6.95 -18.42
C SER A 99 -6.22 6.28 -17.21
C SER A 99 -6.07 6.11 -17.34
N LEU A 100 -5.03 6.69 -16.75
CA LEU A 100 -4.44 6.14 -15.54
C LEU A 100 -5.42 6.11 -14.38
N ARG A 101 -6.26 7.13 -14.28
CA ARG A 101 -7.27 7.16 -13.23
C ARG A 101 -8.14 5.86 -13.25
N ASP A 102 -8.60 5.47 -14.44
CA ASP A 102 -9.49 4.29 -14.57
C ASP A 102 -8.70 3.02 -14.49
N TYR A 103 -7.53 2.99 -15.12
CA TYR A 103 -6.69 1.79 -15.16
C TYR A 103 -6.25 1.39 -13.75
N LEU A 104 -5.79 2.38 -12.96
CA LEU A 104 -5.30 2.13 -11.60
C LEU A 104 -6.41 1.54 -10.73
N GLN A 105 -7.57 2.17 -10.77
CA GLN A 105 -8.75 1.74 -10.04
C GLN A 105 -9.16 0.30 -10.41
N LYS A 106 -9.11 0.00 -11.70
CA LYS A 106 -9.44 -1.32 -12.24
C LYS A 106 -8.43 -2.38 -11.86
N HIS A 107 -7.15 -2.03 -11.74
CA HIS A 107 -6.11 -3.04 -11.46
C HIS A 107 -5.40 -2.85 -10.12
N LYS A 108 -6.06 -2.19 -9.18
CA LYS A 108 -5.44 -1.79 -7.90
C LYS A 108 -4.84 -2.95 -7.15
N GLU A 109 -5.51 -4.11 -7.23
CA GLU A 109 -5.04 -5.31 -6.49
C GLU A 109 -3.84 -5.91 -7.15
N ARG A 110 -3.49 -5.42 -8.33
CA ARG A 110 -2.38 -5.97 -9.08
C ARG A 110 -1.27 -4.96 -9.41
N ILE A 111 -1.33 -3.74 -8.86
CA ILE A 111 -0.31 -2.69 -9.12
C ILE A 111 0.36 -2.28 -7.79
N ASP A 112 1.64 -2.61 -7.64
CA ASP A 112 2.34 -2.35 -6.38
C ASP A 112 3.02 -0.97 -6.36
N HIS A 113 3.59 -0.61 -5.21
CA HIS A 113 4.17 0.71 -5.00
C HIS A 113 5.29 0.97 -5.97
N ILE A 114 6.06 -0.07 -6.28
CA ILE A 114 7.16 0.04 -7.21
C ILE A 114 6.68 0.45 -8.60
N LYS A 115 5.55 -0.14 -9.00
CA LYS A 115 4.93 0.23 -10.27
C LYS A 115 4.37 1.67 -10.22
N LEU A 116 3.83 2.10 -9.09
CA LEU A 116 3.33 3.50 -9.03
C LEU A 116 4.47 4.50 -9.19
N LEU A 117 5.62 4.14 -8.66
CA LEU A 117 6.79 5.01 -8.74
C LEU A 117 7.37 5.05 -10.12
N GLN A 118 7.28 3.93 -10.83
CA GLN A 118 7.64 3.94 -12.24
C GLN A 118 6.75 4.94 -13.03
N TYR A 119 5.44 4.93 -12.80
CA TYR A 119 4.54 5.88 -13.44
C TYR A 119 4.86 7.32 -12.99
N THR A 120 5.08 7.49 -11.69
CA THR A 120 5.40 8.81 -11.09
C THR A 120 6.63 9.43 -11.76
N SER A 121 7.65 8.59 -11.91
CA SER A 121 8.90 8.94 -12.56
C SER A 121 8.65 9.41 -14.01
N GLN A 122 7.86 8.67 -14.77
CA GLN A 122 7.53 9.02 -16.11
C GLN A 122 6.78 10.36 -16.21
N ILE A 123 5.84 10.58 -15.29
CA ILE A 123 5.10 11.83 -15.27
C ILE A 123 6.09 13.00 -15.02
N CYS A 124 6.99 12.85 -14.04
CA CYS A 124 8.00 13.89 -13.77
C CYS A 124 8.85 14.24 -14.96
N LYS A 125 9.29 13.21 -15.71
CA LYS A 125 10.12 13.40 -16.90
C LYS A 125 9.37 14.10 -18.02
N GLY A 126 8.10 13.71 -18.23
CA GLY A 126 7.25 14.45 -19.14
C GLY A 126 7.10 15.91 -18.73
N MET A 127 6.89 16.16 -17.46
CA MET A 127 6.71 17.53 -16.96
C MET A 127 8.00 18.36 -17.04
N GLU A 128 9.12 17.74 -16.74
CA GLU A 128 10.40 18.44 -16.87
C GLU A 128 10.59 18.89 -18.32
N TYR A 129 10.22 18.01 -19.24
CA TYR A 129 10.34 18.33 -20.61
C TYR A 129 9.45 19.52 -20.99
N LEU A 130 8.22 19.58 -20.48
CA LEU A 130 7.36 20.75 -20.72
C LEU A 130 8.04 22.02 -20.23
N GLY A 131 8.57 21.94 -19.01
CA GLY A 131 9.31 23.02 -18.38
C GLY A 131 10.41 23.61 -19.26
N THR A 132 11.10 22.76 -20.01
CA THR A 132 12.18 23.21 -20.87
C THR A 132 11.64 24.06 -21.99
N LYS A 133 10.35 23.95 -22.28
CA LYS A 133 9.76 24.76 -23.33
C LYS A 133 9.00 25.93 -22.73
N ARG A 134 9.08 26.07 -21.41
CA ARG A 134 8.38 27.10 -20.65
C ARG A 134 6.89 26.94 -20.81
N TYR A 135 6.43 25.69 -20.97
CA TYR A 135 5.01 25.39 -20.95
C TYR A 135 4.55 25.04 -19.51
N ILE A 136 3.37 25.55 -19.13
CA ILE A 136 2.73 25.32 -17.82
C ILE A 136 1.48 24.52 -18.12
N HIS A 137 1.40 23.30 -17.58
CA HIS A 137 0.30 22.40 -17.96
C HIS A 137 -1.04 22.87 -17.43
N ARG A 138 -1.04 23.24 -16.14
CA ARG A 138 -2.19 23.80 -15.42
C ARG A 138 -3.35 22.85 -15.13
N ASP A 139 -3.24 21.56 -15.45
CA ASP A 139 -4.38 20.65 -15.24
C ASP A 139 -3.86 19.22 -14.91
N LEU A 140 -2.74 19.12 -14.20
CA LEU A 140 -2.15 17.84 -13.89
C LEU A 140 -3.05 17.07 -12.93
N ALA A 141 -3.51 15.89 -13.35
CA ALA A 141 -4.49 15.10 -12.60
C ALA A 141 -4.43 13.69 -13.23
N THR A 142 -4.65 12.62 -12.47
CA THR A 142 -4.56 11.29 -13.08
C THR A 142 -5.55 11.13 -14.25
N ARG A 143 -6.64 11.86 -14.24
CA ARG A 143 -7.59 11.75 -15.36
C ARG A 143 -6.97 12.19 -16.70
N ASN A 144 -5.93 13.05 -16.65
CA ASN A 144 -5.25 13.54 -17.84
C ASN A 144 -3.98 12.76 -18.22
N ILE A 145 -3.72 11.66 -17.50
CA ILE A 145 -2.60 10.77 -17.80
C ILE A 145 -3.17 9.50 -18.44
N LEU A 146 -2.54 9.06 -19.52
CA LEU A 146 -3.00 7.92 -20.30
C LEU A 146 -2.00 6.76 -20.19
N VAL A 147 -2.50 5.54 -20.40
CA VAL A 147 -1.69 4.35 -20.30
C VAL A 147 -1.48 3.74 -21.67
N GLU A 148 -0.22 3.74 -22.13
CA GLU A 148 0.10 3.08 -23.39
C GLU A 148 0.18 1.56 -23.20
N ASN A 149 0.88 1.12 -22.16
CA ASN A 149 0.99 -0.31 -21.80
C ASN A 149 1.30 -0.36 -20.32
N GLU A 150 1.47 -1.55 -19.75
CA GLU A 150 1.64 -1.68 -18.30
C GLU A 150 2.94 -1.01 -17.83
N ASN A 151 3.88 -0.80 -18.73
CA ASN A 151 5.14 -0.17 -18.34
C ASN A 151 5.32 1.31 -18.74
N ARG A 152 4.26 1.95 -19.24
CA ARG A 152 4.44 3.26 -19.87
C ARG A 152 3.17 4.09 -19.82
N VAL A 153 3.28 5.26 -19.17
CA VAL A 153 2.19 6.25 -19.15
C VAL A 153 2.65 7.55 -19.89
N LYS A 154 1.69 8.39 -20.26
CA LYS A 154 1.93 9.61 -21.03
C LYS A 154 0.98 10.70 -20.58
N ILE A 155 1.48 11.93 -20.52
CA ILE A 155 0.58 13.06 -20.29
C ILE A 155 -0.25 13.13 -21.55
N GLY A 156 -1.58 13.11 -21.41
CA GLY A 156 -2.42 12.86 -22.56
C GLY A 156 -3.38 13.95 -22.97
N ASP A 157 -3.34 15.10 -22.29
CA ASP A 157 -4.16 16.25 -22.64
C ASP A 157 -3.49 17.59 -22.27
N PHE A 158 -3.64 18.58 -23.16
CA PHE A 158 -2.97 19.86 -22.99
C PHE A 158 -3.93 21.03 -23.12
N GLY A 159 -5.20 20.75 -22.85
CA GLY A 159 -6.26 21.73 -23.01
C GLY A 159 -6.08 23.06 -22.28
N LEU A 160 -5.41 23.05 -21.12
CA LEU A 160 -5.24 24.29 -20.33
C LEU A 160 -3.81 24.82 -20.35
N THR A 161 -2.95 24.21 -21.16
CA THR A 161 -1.53 24.47 -21.17
C THR A 161 -1.23 25.87 -21.75
N LYS A 162 -0.39 26.62 -21.06
CA LYS A 162 0.05 27.99 -21.49
C LYS A 162 1.55 28.09 -21.66
N VAL A 163 1.99 29.09 -22.43
CA VAL A 163 3.40 29.37 -22.62
C VAL A 163 3.74 30.56 -21.75
N LEU A 164 4.78 30.47 -20.93
CA LEU A 164 5.12 31.58 -20.05
C LEU A 164 5.50 32.80 -20.91
N PRO A 165 5.14 34.01 -20.46
CA PRO A 165 5.72 35.17 -21.17
C PRO A 165 7.24 35.09 -21.12
N GLN A 166 7.92 35.68 -22.11
CA GLN A 166 9.40 35.69 -22.15
C GLN A 166 10.05 36.28 -20.88
N ASP A 167 9.36 37.16 -20.17
CA ASP A 167 9.98 37.93 -19.08
C ASP A 167 9.42 37.68 -17.67
N LYS A 168 8.59 36.65 -17.50
CA LYS A 168 8.01 36.34 -16.21
C LYS A 168 8.03 34.83 -15.96
N GLU A 169 7.99 34.43 -14.68
CA GLU A 169 8.02 33.02 -14.36
C GLU A 169 6.63 32.45 -14.03
N PTR A 170 5.60 33.27 -14.22
CA PTR A 170 4.23 32.85 -13.93
C PTR A 170 3.40 33.46 -15.02
O PTR A 170 3.84 34.40 -15.73
CB PTR A 170 3.71 33.26 -12.56
CG PTR A 170 3.75 34.78 -12.40
CD1 PTR A 170 4.87 35.40 -11.84
CD2 PTR A 170 2.68 35.58 -12.83
CE1 PTR A 170 4.94 36.79 -11.72
CE2 PTR A 170 2.75 36.97 -12.72
CZ PTR A 170 3.88 37.57 -12.16
OH PTR A 170 3.93 38.81 -12.08
P PTR A 170 4.12 39.67 -10.72
O1P PTR A 170 3.72 41.06 -11.04
O2P PTR A 170 5.59 39.64 -10.30
O3P PTR A 170 3.23 39.14 -9.58
N PTR A 171 2.19 32.94 -15.16
CA PTR A 171 1.22 33.40 -16.13
C PTR A 171 -0.08 33.51 -15.36
O PTR A 171 -0.49 32.56 -14.66
CB PTR A 171 1.23 32.38 -17.25
CG PTR A 171 0.29 32.66 -18.38
CD1 PTR A 171 -1.07 32.62 -18.16
CD2 PTR A 171 0.76 32.95 -19.66
CE1 PTR A 171 -1.96 32.88 -19.17
CE2 PTR A 171 -0.14 33.23 -20.69
CZ PTR A 171 -1.49 33.19 -20.42
OH PTR A 171 -2.42 33.36 -21.20
P PTR A 171 -2.43 34.18 -22.57
O1P PTR A 171 -1.40 33.66 -23.51
O2P PTR A 171 -2.22 35.67 -22.27
O3P PTR A 171 -3.85 33.88 -23.09
N LYS A 172 -0.71 34.68 -15.43
CA LYS A 172 -1.98 34.94 -14.76
C LYS A 172 -3.11 34.71 -15.75
N VAL A 173 -4.08 33.92 -15.37
CA VAL A 173 -5.20 33.64 -16.26
C VAL A 173 -6.38 33.29 -15.42
N LYS A 174 -7.56 33.72 -15.86
CA LYS A 174 -8.81 33.42 -15.16
C LYS A 174 -9.87 33.08 -16.21
N GLU A 175 -10.23 31.81 -16.34
CA GLU A 175 -11.14 31.37 -17.41
C GLU A 175 -12.55 31.22 -16.92
N PRO A 176 -13.54 31.34 -17.82
CA PRO A 176 -14.86 30.85 -17.40
C PRO A 176 -14.86 29.31 -17.37
N GLY A 177 -15.68 28.73 -16.51
CA GLY A 177 -15.83 27.28 -16.41
C GLY A 177 -15.53 26.81 -15.01
N GLU A 178 -15.75 25.52 -14.74
CA GLU A 178 -15.39 24.95 -13.45
C GLU A 178 -13.89 24.65 -13.42
N SER A 179 -13.16 25.35 -12.56
CA SER A 179 -11.74 25.06 -12.32
C SER A 179 -11.54 23.85 -11.41
N PRO A 180 -10.50 23.04 -11.66
CA PRO A 180 -10.24 21.92 -10.74
C PRO A 180 -9.55 22.41 -9.44
N ILE A 181 -10.29 23.18 -8.65
CA ILE A 181 -9.73 23.87 -7.46
C ILE A 181 -8.99 22.96 -6.43
N PHE A 182 -9.39 21.70 -6.33
CA PHE A 182 -8.82 20.83 -5.34
C PHE A 182 -7.43 20.29 -5.74
N TRP A 183 -6.99 20.61 -6.97
CA TRP A 183 -5.62 20.34 -7.41
C TRP A 183 -4.79 21.64 -7.51
N TYR A 184 -5.40 22.79 -7.26
CA TYR A 184 -4.71 24.09 -7.38
C TYR A 184 -3.81 24.52 -6.22
N ALA A 185 -2.68 25.14 -6.55
CA ALA A 185 -1.80 25.77 -5.57
C ALA A 185 -2.52 27.00 -4.98
N PRO A 186 -2.19 27.37 -3.73
CA PRO A 186 -2.87 28.49 -3.09
C PRO A 186 -2.80 29.76 -3.93
N GLU A 187 -1.62 30.03 -4.52
CA GLU A 187 -1.45 31.27 -5.30
C GLU A 187 -2.23 31.20 -6.63
N SER A 188 -2.55 29.99 -7.10
CA SER A 188 -3.42 29.86 -8.26
C SER A 188 -4.85 30.23 -7.88
N LEU A 189 -5.27 29.81 -6.67
CA LEU A 189 -6.58 30.14 -6.11
C LEU A 189 -6.71 31.62 -5.75
N THR A 190 -5.68 32.18 -5.14
CA THR A 190 -5.80 33.56 -4.64
C THR A 190 -5.50 34.59 -5.71
N GLU A 191 -4.49 34.30 -6.53
CA GLU A 191 -3.97 35.27 -7.49
C GLU A 191 -4.08 34.88 -8.95
N SER A 192 -4.67 33.71 -9.25
CA SER A 192 -4.70 33.17 -10.64
C SER A 192 -3.33 33.04 -11.30
N LYS A 193 -2.30 32.85 -10.49
CA LYS A 193 -0.94 32.70 -10.99
C LYS A 193 -0.63 31.24 -11.20
N PHE A 194 -0.14 30.91 -12.40
CA PHE A 194 0.27 29.53 -12.75
C PHE A 194 1.73 29.56 -13.17
N SER A 195 2.47 28.55 -12.76
CA SER A 195 3.91 28.47 -12.96
C SER A 195 4.36 27.01 -12.92
N VAL A 196 5.65 26.77 -13.17
CA VAL A 196 6.22 25.45 -13.00
C VAL A 196 5.94 25.04 -11.55
N ALA A 197 6.10 25.97 -10.60
CA ALA A 197 5.86 25.66 -9.18
C ALA A 197 4.42 25.23 -8.86
N SER A 198 3.42 25.84 -9.51
CA SER A 198 2.03 25.39 -9.30
C SER A 198 1.78 24.01 -9.96
N ASP A 199 2.45 23.73 -11.10
CA ASP A 199 2.44 22.36 -11.68
C ASP A 199 3.06 21.34 -10.68
N VAL A 200 4.14 21.73 -10.01
CA VAL A 200 4.69 20.88 -8.94
C VAL A 200 3.70 20.63 -7.79
N TRP A 201 3.00 21.68 -7.36
CA TRP A 201 1.96 21.52 -6.36
C TRP A 201 0.94 20.46 -6.84
N SER A 202 0.44 20.63 -8.06
CA SER A 202 -0.57 19.72 -8.60
C SER A 202 -0.01 18.32 -8.79
N PHE A 203 1.27 18.21 -9.14
CA PHE A 203 1.92 16.92 -9.20
C PHE A 203 1.87 16.20 -7.84
N GLY A 204 2.01 16.95 -6.76
CA GLY A 204 1.90 16.34 -5.44
C GLY A 204 0.50 15.75 -5.24
N VAL A 205 -0.52 16.44 -5.75
CA VAL A 205 -1.90 15.90 -5.72
C VAL A 205 -2.03 14.64 -6.60
N VAL A 206 -1.35 14.61 -7.75
CA VAL A 206 -1.32 13.40 -8.58
C VAL A 206 -0.72 12.22 -7.77
N LEU A 207 0.40 12.49 -7.09
CA LEU A 207 1.07 11.48 -6.31
C LEU A 207 0.15 10.96 -5.21
N TYR A 208 -0.58 11.85 -4.56
CA TYR A 208 -1.59 11.49 -3.58
C TYR A 208 -2.67 10.58 -4.22
N GLU A 209 -3.22 11.02 -5.35
CA GLU A 209 -4.22 10.23 -6.09
C GLU A 209 -3.70 8.80 -6.34
N LEU A 210 -2.47 8.69 -6.84
CA LEU A 210 -1.90 7.36 -7.13
C LEU A 210 -1.87 6.48 -5.88
N PHE A 211 -1.33 7.02 -4.79
CA PHE A 211 -1.16 6.24 -3.55
C PHE A 211 -2.46 5.95 -2.81
N THR A 212 -3.55 6.68 -3.11
CA THR A 212 -4.86 6.29 -2.63
C THR A 212 -5.53 5.25 -3.54
N TYR A 213 -4.87 4.89 -4.64
CA TYR A 213 -5.45 3.98 -5.64
C TYR A 213 -6.82 4.43 -6.15
N ILE A 214 -7.03 5.75 -6.21
CA ILE A 214 -8.28 6.37 -6.66
C ILE A 214 -9.49 5.94 -5.81
N GLU A 215 -9.30 5.71 -4.52
CA GLU A 215 -10.42 5.37 -3.65
C GLU A 215 -11.38 6.56 -3.50
N LYS A 216 -12.65 6.34 -3.83
CA LYS A 216 -13.62 7.42 -4.05
C LYS A 216 -13.75 8.34 -2.85
N SER A 217 -13.93 7.74 -1.66
CA SER A 217 -14.06 8.49 -0.41
C SER A 217 -12.78 9.24 -0.04
N LYS A 218 -11.67 8.89 -0.68
CA LYS A 218 -10.36 9.51 -0.40
C LYS A 218 -9.90 10.50 -1.46
N SER A 219 -10.75 10.81 -2.43
CA SER A 219 -10.37 11.73 -3.52
C SER A 219 -10.03 13.10 -2.95
N PRO A 220 -9.19 13.89 -3.65
CA PRO A 220 -8.98 15.23 -3.10
C PRO A 220 -10.29 16.05 -2.85
N PRO A 221 -11.29 16.02 -3.77
CA PRO A 221 -12.50 16.79 -3.41
C PRO A 221 -13.21 16.24 -2.15
N ALA A 222 -13.30 14.92 -2.02
CA ALA A 222 -13.87 14.29 -0.82
C ALA A 222 -13.15 14.68 0.48
N GLU A 223 -11.82 14.61 0.49
CA GLU A 223 -11.03 14.93 1.70
C GLU A 223 -11.07 16.40 2.08
N PHE A 224 -10.88 17.28 1.10
CA PHE A 224 -10.96 18.72 1.37
C PHE A 224 -12.38 19.18 1.79
N MET A 225 -13.43 18.65 1.14
CA MET A 225 -14.82 18.96 1.53
C MET A 225 -15.11 18.59 2.99
N ARG A 226 -14.63 17.41 3.37
CA ARG A 226 -14.66 16.92 4.74
C ARG A 226 -14.05 17.95 5.68
N MET A 227 -12.80 18.33 5.39
CA MET A 227 -12.07 19.32 6.19
C MET A 227 -12.72 20.72 6.22
N ILE A 228 -13.39 21.14 5.15
CA ILE A 228 -14.13 22.41 5.15
C ILE A 228 -15.55 22.26 5.73
N GLY A 229 -16.03 21.03 5.88
CA GLY A 229 -17.39 20.77 6.36
C GLY A 229 -18.36 20.41 5.24
N GLN A 235 -20.95 27.57 -1.97
CA GLN A 235 -20.72 28.72 -2.84
C GLN A 235 -19.43 29.49 -2.50
N MET A 236 -19.04 29.46 -1.23
CA MET A 236 -17.82 30.11 -0.78
C MET A 236 -16.74 29.07 -0.50
N ILE A 237 -16.89 27.88 -1.11
CA ILE A 237 -15.93 26.76 -0.93
C ILE A 237 -14.48 27.16 -1.23
N VAL A 238 -14.27 27.96 -2.28
CA VAL A 238 -12.93 28.47 -2.63
C VAL A 238 -12.35 29.31 -1.49
N PHE A 239 -13.17 30.20 -0.91
CA PHE A 239 -12.72 31.01 0.24
C PHE A 239 -12.18 30.14 1.37
N HIS A 240 -12.93 29.10 1.72
CA HIS A 240 -12.54 28.25 2.85
C HIS A 240 -11.42 27.26 2.51
N LEU A 241 -11.32 26.88 1.24
CA LEU A 241 -10.17 26.11 0.78
C LEU A 241 -8.92 26.96 0.96
N ILE A 242 -8.99 28.21 0.54
CA ILE A 242 -7.83 29.10 0.66
C ILE A 242 -7.38 29.19 2.11
N GLU A 243 -8.34 29.28 3.04
CA GLU A 243 -8.03 29.49 4.46
C GLU A 243 -7.41 28.24 5.04
N LEU A 244 -7.99 27.10 4.67
CA LEU A 244 -7.46 25.81 5.10
C LEU A 244 -5.98 25.65 4.67
N LEU A 245 -5.67 25.97 3.42
CA LEU A 245 -4.30 25.80 2.94
C LEU A 245 -3.33 26.77 3.62
N LYS A 246 -3.75 28.02 3.77
CA LYS A 246 -2.91 29.03 4.44
C LYS A 246 -2.64 28.59 5.86
N ASN A 247 -3.60 27.87 6.44
CA ASN A 247 -3.46 27.30 7.79
C ASN A 247 -2.77 25.95 7.88
N ASN A 248 -2.10 25.57 6.79
CA ASN A 248 -1.42 24.29 6.66
C ASN A 248 -2.28 23.00 6.78
N GLY A 249 -3.57 23.12 6.50
CA GLY A 249 -4.40 21.95 6.24
C GLY A 249 -3.90 21.32 4.95
N ARG A 250 -3.74 19.99 4.97
CA ARG A 250 -3.30 19.20 3.83
C ARG A 250 -4.05 17.87 3.71
N LEU A 251 -4.07 17.29 2.51
CA LEU A 251 -4.53 15.90 2.34
C LEU A 251 -3.72 14.94 3.23
N PRO A 252 -4.38 13.91 3.80
CA PRO A 252 -3.65 13.03 4.70
C PRO A 252 -2.75 12.06 3.95
N ARG A 253 -1.82 11.43 4.66
CA ARG A 253 -1.04 10.34 4.13
C ARG A 253 -1.99 9.21 3.70
N PRO A 254 -1.93 8.77 2.43
CA PRO A 254 -2.81 7.65 2.05
C PRO A 254 -2.48 6.34 2.80
N ASP A 255 -3.50 5.56 3.10
CA ASP A 255 -3.35 4.17 3.60
C ASP A 255 -2.26 3.42 2.89
N GLY A 256 -1.26 2.98 3.65
CA GLY A 256 -0.17 2.20 3.12
C GLY A 256 0.96 3.04 2.57
N CYS A 257 0.77 4.36 2.49
CA CYS A 257 1.82 5.19 1.87
C CYS A 257 3.02 5.29 2.81
N PRO A 258 4.24 4.98 2.34
CA PRO A 258 5.41 5.19 3.21
C PRO A 258 5.65 6.67 3.51
N ASP A 259 6.35 6.93 4.62
CA ASP A 259 6.65 8.30 5.06
C ASP A 259 7.45 9.08 4.04
N GLU A 260 8.48 8.45 3.45
CA GLU A 260 9.33 9.11 2.47
C GLU A 260 8.59 9.52 1.17
N ILE A 261 7.51 8.81 0.84
CA ILE A 261 6.67 9.20 -0.30
C ILE A 261 5.72 10.30 0.10
N TYR A 262 5.13 10.20 1.30
CA TYR A 262 4.27 11.24 1.78
C TYR A 262 5.03 12.58 1.93
N MET A 263 6.30 12.49 2.30
CA MET A 263 7.16 13.65 2.41
C MET A 263 7.42 14.31 1.04
N ILE A 264 7.47 13.53 -0.04
CA ILE A 264 7.53 14.14 -1.38
C ILE A 264 6.30 14.99 -1.63
N MET A 265 5.12 14.43 -1.32
CA MET A 265 3.86 15.17 -1.39
C MET A 265 3.88 16.43 -0.59
N THR A 266 4.19 16.34 0.70
CA THR A 266 4.14 17.52 1.56
C THR A 266 5.11 18.63 1.10
N GLU A 267 6.26 18.24 0.54
CA GLU A 267 7.21 19.23 -0.01
C GLU A 267 6.70 19.93 -1.28
N CYS A 268 5.97 19.18 -2.14
CA CYS A 268 5.29 19.76 -3.31
C CYS A 268 4.24 20.77 -2.84
N TRP A 269 3.62 20.48 -1.70
CA TRP A 269 2.58 21.32 -1.18
C TRP A 269 3.11 22.41 -0.23
N ASN A 270 4.22 23.04 -0.59
CA ASN A 270 4.71 24.19 0.19
C ASN A 270 3.92 25.46 -0.15
N ASN A 271 3.43 26.22 0.85
CA ASN A 271 2.82 27.53 0.54
C ASN A 271 3.82 28.46 -0.14
N ASN A 272 5.10 28.30 0.17
CA ASN A 272 6.14 29.14 -0.41
C ASN A 272 6.49 28.59 -1.77
N VAL A 273 6.13 29.34 -2.80
CA VAL A 273 6.23 28.95 -4.17
C VAL A 273 7.66 28.54 -4.55
N ASN A 274 8.64 29.29 -4.04
CA ASN A 274 10.02 29.14 -4.41
C ASN A 274 10.65 27.97 -3.68
N GLN A 275 9.96 27.39 -2.70
CA GLN A 275 10.55 26.27 -1.93
C GLN A 275 10.10 24.88 -2.37
N ARG A 276 9.21 24.82 -3.36
CA ARG A 276 8.79 23.55 -3.91
C ARG A 276 9.94 22.92 -4.69
N PRO A 277 10.04 21.57 -4.68
CA PRO A 277 11.07 20.88 -5.49
C PRO A 277 10.95 21.12 -7.01
N SER A 278 12.05 20.92 -7.73
CA SER A 278 12.00 20.96 -9.18
C SER A 278 11.57 19.57 -9.70
N PHE A 279 11.07 19.50 -10.93
CA PHE A 279 10.73 18.18 -11.49
C PHE A 279 11.93 17.28 -11.65
N ARG A 280 13.09 17.85 -11.97
CA ARG A 280 14.32 17.05 -12.01
C ARG A 280 14.64 16.41 -10.66
N ASP A 281 14.53 17.18 -9.59
CA ASP A 281 14.76 16.61 -8.26
C ASP A 281 13.69 15.61 -7.84
N LEU A 282 12.44 15.85 -8.26
CA LEU A 282 11.37 14.91 -7.99
C LEU A 282 11.71 13.54 -8.63
N ALA A 283 12.10 13.55 -9.91
CA ALA A 283 12.52 12.33 -10.65
C ALA A 283 13.69 11.59 -9.97
N LEU A 284 14.73 12.32 -9.55
CA LEU A 284 15.85 11.73 -8.78
C LEU A 284 15.44 11.04 -7.50
N ARG A 285 14.64 11.72 -6.68
CA ARG A 285 14.19 11.17 -5.42
C ARG A 285 13.34 9.92 -5.64
N VAL A 286 12.43 9.99 -6.61
CA VAL A 286 11.55 8.88 -6.93
C VAL A 286 12.35 7.69 -7.44
N ASP A 287 13.24 7.95 -8.39
CA ASP A 287 14.14 6.93 -8.92
C ASP A 287 15.02 6.30 -7.82
N GLN A 288 15.42 7.07 -6.84
CA GLN A 288 16.26 6.52 -5.76
C GLN A 288 15.46 5.59 -4.87
N ILE A 289 14.24 6.00 -4.53
CA ILE A 289 13.36 5.24 -3.66
C ILE A 289 12.96 3.92 -4.36
N ARG A 290 12.77 4.02 -5.68
CA ARG A 290 12.47 2.89 -6.56
C ARG A 290 13.56 1.85 -6.43
N ASP A 291 14.80 2.28 -6.64
CA ASP A 291 15.99 1.42 -6.51
C ASP A 291 16.09 0.77 -5.13
N ASN A 292 15.98 1.57 -4.08
CA ASN A 292 15.99 1.05 -2.72
C ASN A 292 14.95 -0.06 -2.52
N MET A 293 13.80 0.05 -3.17
CA MET A 293 12.73 -0.96 -3.04
C MET A 293 12.98 -2.23 -3.87
N ALA A 294 13.75 -2.10 -4.94
CA ALA A 294 13.97 -3.21 -5.87
C ALA A 294 15.02 -4.19 -5.35
N SER B 2 30.07 -35.82 18.46
CA SER B 2 28.72 -35.21 18.58
C SER B 2 28.76 -33.69 18.41
N ASP B 3 27.83 -33.17 17.62
CA ASP B 3 27.59 -31.73 17.50
C ASP B 3 26.79 -31.30 18.74
N PRO B 4 27.01 -30.06 19.23
CA PRO B 4 26.19 -29.55 20.35
C PRO B 4 24.70 -29.41 19.96
N THR B 5 24.43 -29.34 18.65
CA THR B 5 23.07 -29.28 18.09
C THR B 5 22.37 -30.66 18.06
N GLN B 6 23.05 -31.70 18.55
CA GLN B 6 22.49 -33.05 18.54
C GLN B 6 22.22 -33.40 19.99
N PHE B 7 20.96 -33.44 20.36
CA PHE B 7 20.61 -33.75 21.74
C PHE B 7 20.23 -35.22 21.82
N GLU B 8 20.72 -35.88 22.86
CA GLU B 8 20.47 -37.30 23.06
C GLU B 8 19.23 -37.48 23.91
N GLU B 9 18.30 -38.28 23.40
CA GLU B 9 17.00 -38.50 24.03
C GLU B 9 17.13 -38.92 25.50
N ARG B 10 18.09 -39.81 25.78
CA ARG B 10 18.28 -40.29 27.14
C ARG B 10 18.58 -39.19 28.17
N HIS B 11 19.12 -38.05 27.72
CA HIS B 11 19.49 -36.97 28.64
C HIS B 11 18.43 -35.88 28.81
N LEU B 12 17.34 -35.97 28.04
CA LEU B 12 16.25 -35.00 28.16
C LEU B 12 15.25 -35.48 29.21
N LYS B 13 15.30 -34.86 30.39
CA LYS B 13 14.38 -35.22 31.48
C LYS B 13 13.11 -34.40 31.36
N PHE B 14 11.98 -35.09 31.19
CA PHE B 14 10.69 -34.44 31.00
C PHE B 14 10.28 -33.73 32.27
N LEU B 15 9.73 -32.51 32.14
CA LEU B 15 9.21 -31.79 33.32
C LEU B 15 7.72 -31.56 33.20
N GLN B 16 7.28 -31.02 32.07
CA GLN B 16 5.83 -30.83 31.83
C GLN B 16 5.53 -30.42 30.40
N GLN B 17 4.27 -30.55 30.00
CA GLN B 17 3.83 -30.07 28.70
C GLN B 17 3.64 -28.56 28.79
N LEU B 18 3.96 -27.87 27.70
CA LEU B 18 3.80 -26.41 27.61
C LEU B 18 2.59 -26.07 26.76
N GLY B 19 2.37 -26.81 25.68
CA GLY B 19 1.14 -26.61 24.93
C GLY B 19 1.10 -27.51 23.74
N LYS B 20 -0.01 -27.48 23.03
CA LYS B 20 -0.13 -28.30 21.83
C LYS B 20 -0.77 -27.52 20.69
N GLY B 21 -0.36 -27.83 19.47
CA GLY B 21 -1.00 -27.33 18.25
C GLY B 21 -1.91 -28.43 17.73
N ASN B 22 -2.25 -28.38 16.45
CA ASN B 22 -3.11 -29.42 15.86
C ASN B 22 -2.41 -30.79 15.67
N PHE B 23 -1.10 -30.77 15.37
CA PHE B 23 -0.33 -31.97 15.03
C PHE B 23 0.93 -32.15 15.85
N GLY B 24 1.18 -31.21 16.75
CA GLY B 24 2.40 -31.26 17.53
C GLY B 24 2.22 -30.73 18.93
N SER B 25 3.22 -30.95 19.76
CA SER B 25 3.15 -30.44 21.12
C SER B 25 4.55 -30.00 21.52
N VAL B 26 4.60 -29.19 22.57
CA VAL B 26 5.88 -28.76 23.07
C VAL B 26 5.93 -29.08 24.55
N GLU B 27 7.10 -29.57 24.96
CA GLU B 27 7.36 -29.97 26.35
C GLU B 27 8.50 -29.14 26.92
N MET B 28 8.44 -28.92 28.23
CA MET B 28 9.59 -28.42 28.96
C MET B 28 10.38 -29.60 29.49
N CYS B 29 11.67 -29.66 29.14
CA CYS B 29 12.60 -30.65 29.64
C CYS B 29 13.89 -30.02 30.20
N ARG B 30 14.60 -30.78 31.01
CA ARG B 30 15.97 -30.44 31.39
C ARG B 30 16.95 -31.32 30.62
N TYR B 31 17.88 -30.70 29.91
CA TYR B 31 18.92 -31.47 29.25
C TYR B 31 20.02 -31.70 30.27
N ASP B 32 20.07 -32.92 30.79
CA ASP B 32 20.89 -33.20 31.95
C ASP B 32 21.83 -34.40 31.75
N PRO B 33 22.83 -34.26 30.84
CA PRO B 33 23.75 -35.36 30.59
C PRO B 33 24.55 -35.80 31.82
N LEU B 34 24.87 -34.86 32.71
CA LEU B 34 25.60 -35.20 33.93
C LEU B 34 24.73 -35.87 34.98
N GLN B 35 23.43 -35.98 34.72
CA GLN B 35 22.46 -36.60 35.64
C GLN B 35 22.45 -36.03 37.05
N ASP B 36 22.76 -34.75 37.20
CA ASP B 36 22.83 -34.16 38.53
C ASP B 36 22.04 -32.88 38.61
N ASN B 37 20.90 -32.84 37.91
CA ASN B 37 20.01 -31.68 37.85
C ASN B 37 20.73 -30.33 37.59
N THR B 38 21.84 -30.37 36.85
CA THR B 38 22.65 -29.18 36.54
C THR B 38 22.33 -28.60 35.16
N GLY B 39 21.68 -29.39 34.31
CA GLY B 39 21.49 -29.04 32.91
C GLY B 39 20.57 -27.87 32.63
N GLU B 40 20.67 -27.32 31.42
CA GLU B 40 19.78 -26.23 30.97
C GLU B 40 18.36 -26.77 30.71
N VAL B 41 17.34 -26.01 31.12
CA VAL B 41 15.95 -26.25 30.69
C VAL B 41 15.76 -25.81 29.23
N VAL B 42 15.18 -26.70 28.42
CA VAL B 42 14.93 -26.41 27.00
C VAL B 42 13.47 -26.68 26.64
N ALA B 43 13.00 -26.16 25.51
CA ALA B 43 11.67 -26.47 25.01
C ALA B 43 11.87 -27.50 23.90
N VAL B 44 10.99 -28.50 23.87
CA VAL B 44 11.11 -29.64 22.93
C VAL B 44 9.79 -29.79 22.18
N LYS B 45 9.82 -29.55 20.87
CA LYS B 45 8.63 -29.69 20.04
C LYS B 45 8.68 -31.03 19.33
N LYS B 46 7.54 -31.71 19.27
CA LYS B 46 7.48 -33.00 18.60
C LYS B 46 6.14 -33.14 17.87
N LEU B 47 6.08 -34.08 16.94
CA LEU B 47 4.83 -34.33 16.21
C LEU B 47 3.91 -35.29 16.97
N GLN B 48 2.61 -35.03 16.96
CA GLN B 48 1.66 -35.98 17.55
C GLN B 48 0.99 -36.84 16.48
N HIS B 49 1.15 -36.45 15.22
CA HIS B 49 0.57 -37.19 14.09
C HIS B 49 1.57 -37.25 12.96
N SER B 50 2.38 -38.29 12.98
CA SER B 50 3.49 -38.40 12.07
C SER B 50 3.15 -39.00 10.68
N THR B 51 2.18 -38.43 9.98
CA THR B 51 1.97 -38.76 8.56
C THR B 51 3.21 -38.36 7.76
N GLU B 52 3.30 -38.87 6.53
CA GLU B 52 4.37 -38.44 5.61
C GLU B 52 4.43 -36.92 5.45
N GLU B 53 3.28 -36.31 5.17
CA GLU B 53 3.19 -34.88 4.92
C GLU B 53 3.62 -34.08 6.15
N HIS B 54 3.17 -34.50 7.34
CA HIS B 54 3.53 -33.82 8.59
C HIS B 54 5.01 -33.93 8.89
N LEU B 55 5.60 -35.09 8.64
CA LEU B 55 7.02 -35.28 8.84
C LEU B 55 7.84 -34.38 7.92
N ARG B 56 7.44 -34.31 6.65
CA ARG B 56 8.16 -33.46 5.69
C ARG B 56 8.06 -31.99 6.12
N ASP B 57 6.84 -31.54 6.47
CA ASP B 57 6.59 -30.20 6.97
C ASP B 57 7.43 -29.88 8.19
N PHE B 58 7.53 -30.84 9.11
CA PHE B 58 8.29 -30.62 10.34
C PHE B 58 9.79 -30.47 10.05
N GLU B 59 10.33 -31.29 9.14
CA GLU B 59 11.72 -31.14 8.73
C GLU B 59 11.98 -29.73 8.15
N ARG B 60 11.04 -29.22 7.35
CA ARG B 60 11.19 -27.90 6.74
C ARG B 60 11.10 -26.80 7.82
N GLU B 61 10.23 -27.00 8.81
CA GLU B 61 10.08 -26.05 9.95
C GLU B 61 11.39 -25.92 10.74
N ILE B 62 12.04 -27.06 10.99
CA ILE B 62 13.33 -27.08 11.66
C ILE B 62 14.38 -26.31 10.86
N GLU B 63 14.43 -26.54 9.54
CA GLU B 63 15.36 -25.84 8.65
C GLU B 63 15.09 -24.32 8.66
N ILE B 64 13.82 -23.96 8.56
CA ILE B 64 13.37 -22.57 8.77
C ILE B 64 13.89 -21.96 10.09
N LEU B 65 13.56 -22.54 11.25
CA LEU B 65 14.00 -21.97 12.53
C LEU B 65 15.51 -21.88 12.65
N LYS B 66 16.19 -22.95 12.26
CA LYS B 66 17.65 -22.98 12.27
C LYS B 66 18.24 -21.80 11.46
N SER B 67 17.56 -21.42 10.38
CA SER B 67 18.03 -20.34 9.53
C SER B 67 17.84 -18.94 10.12
N LEU B 68 17.12 -18.85 11.27
CA LEU B 68 16.70 -17.54 11.79
C LEU B 68 17.56 -17.22 12.97
N GLN B 69 18.15 -16.02 12.96
CA GLN B 69 18.96 -15.53 14.08
C GLN B 69 18.52 -14.08 14.35
N HIS B 70 17.65 -13.86 15.33
CA HIS B 70 17.13 -12.52 15.61
C HIS B 70 16.70 -12.48 17.07
N ASP B 71 16.92 -11.33 17.70
CA ASP B 71 16.55 -11.13 19.10
C ASP B 71 15.09 -11.41 19.38
N ASN B 72 14.24 -11.20 18.39
CA ASN B 72 12.80 -11.36 18.60
C ASN B 72 12.22 -12.62 17.93
N ILE B 73 13.09 -13.62 17.81
CA ILE B 73 12.75 -14.94 17.28
C ILE B 73 13.34 -15.98 18.22
N VAL B 74 12.49 -16.91 18.69
CA VAL B 74 12.93 -17.93 19.62
C VAL B 74 14.15 -18.68 19.03
N LYS B 75 15.13 -18.95 19.88
CA LYS B 75 16.39 -19.58 19.46
C LYS B 75 16.28 -21.08 19.26
N TYR B 76 16.65 -21.51 18.07
CA TYR B 76 16.98 -22.89 17.73
C TYR B 76 18.20 -23.34 18.53
N LYS B 77 18.09 -24.51 19.14
CA LYS B 77 19.24 -25.13 19.81
C LYS B 77 19.71 -26.41 19.08
N GLY B 78 18.77 -27.20 18.57
CA GLY B 78 19.15 -28.40 17.84
C GLY B 78 18.00 -29.39 17.62
N VAL B 79 18.38 -30.64 17.37
CA VAL B 79 17.42 -31.70 17.09
C VAL B 79 17.74 -32.90 17.95
N CYS B 80 16.74 -33.76 18.11
CA CYS B 80 16.89 -35.04 18.76
C CYS B 80 16.16 -36.10 17.96
N TYR B 81 16.82 -37.23 17.74
CA TYR B 81 16.20 -38.40 17.08
C TYR B 81 15.87 -39.45 18.12
N ASN B 87 11.61 -40.44 15.17
CA ASN B 87 10.89 -39.61 16.13
C ASN B 87 11.67 -38.28 16.32
N LEU B 88 11.78 -37.53 15.22
CA LEU B 88 12.42 -36.23 15.16
C LEU B 88 11.81 -35.21 16.16
N LYS B 89 12.68 -34.52 16.90
CA LYS B 89 12.24 -33.48 17.83
C LYS B 89 13.07 -32.21 17.65
N LEU B 90 12.43 -31.06 17.87
CA LEU B 90 13.05 -29.76 17.70
C LEU B 90 13.34 -29.17 19.09
N ILE B 91 14.60 -28.88 19.35
CA ILE B 91 15.05 -28.36 20.64
C ILE B 91 15.24 -26.84 20.51
N MET B 92 14.60 -26.08 21.38
CA MET B 92 14.67 -24.61 21.37
C MET B 92 15.01 -24.09 22.77
N GLU B 93 15.43 -22.82 22.89
CA GLU B 93 15.54 -22.20 24.23
C GLU B 93 14.14 -22.17 24.89
N TYR B 94 14.13 -22.12 26.22
CA TYR B 94 12.91 -22.06 26.98
C TYR B 94 12.73 -20.62 27.45
N LEU B 95 11.57 -20.04 27.16
CA LEU B 95 11.25 -18.67 27.57
C LEU B 95 10.30 -18.68 28.76
N PRO B 96 10.80 -18.23 29.93
CA PRO B 96 10.11 -18.60 31.16
C PRO B 96 8.77 -17.95 31.43
N TYR B 97 8.40 -16.90 30.70
CA TYR B 97 7.12 -16.22 30.96
C TYR B 97 5.98 -16.59 30.04
N GLY B 98 6.19 -17.57 29.16
CA GLY B 98 5.09 -18.21 28.42
C GLY B 98 4.62 -17.33 27.28
N SER B 99 3.37 -17.51 26.87
N SER B 99 3.36 -17.51 26.89
CA SER B 99 2.82 -16.75 25.76
CA SER B 99 2.79 -16.77 25.79
C SER B 99 2.39 -15.34 26.17
C SER B 99 2.37 -15.34 26.17
N LEU B 100 2.53 -14.40 25.25
CA LEU B 100 2.13 -13.02 25.48
C LEU B 100 0.65 -12.95 25.74
N ARG B 101 -0.15 -13.82 25.09
CA ARG B 101 -1.58 -13.86 25.35
C ARG B 101 -1.87 -14.03 26.86
N ASP B 102 -1.15 -14.94 27.51
CA ASP B 102 -1.36 -15.17 28.95
C ASP B 102 -0.74 -14.08 29.82
N TYR B 103 0.51 -13.78 29.52
CA TYR B 103 1.28 -12.77 30.26
C TYR B 103 0.55 -11.44 30.31
N LEU B 104 0.01 -11.01 29.17
CA LEU B 104 -0.70 -9.74 29.11
C LEU B 104 -1.91 -9.72 30.08
N GLN B 105 -2.70 -10.79 30.09
CA GLN B 105 -3.82 -10.88 31.04
C GLN B 105 -3.36 -10.83 32.49
N LYS B 106 -2.32 -11.59 32.81
CA LYS B 106 -1.82 -11.67 34.19
C LYS B 106 -1.27 -10.34 34.69
N HIS B 107 -0.72 -9.53 33.79
CA HIS B 107 0.01 -8.33 34.18
C HIS B 107 -0.58 -7.04 33.64
N LYS B 108 -1.88 -7.07 33.31
CA LYS B 108 -2.55 -5.93 32.70
C LYS B 108 -2.45 -4.63 33.54
N GLU B 109 -2.44 -4.75 34.87
CA GLU B 109 -2.27 -3.57 35.73
C GLU B 109 -0.92 -2.83 35.60
N ARG B 110 0.13 -3.58 35.21
CA ARG B 110 1.51 -3.11 35.07
C ARG B 110 1.85 -2.59 33.69
N ILE B 111 1.13 -3.09 32.69
CA ILE B 111 1.48 -2.88 31.27
C ILE B 111 0.71 -1.69 30.66
N ASP B 112 1.40 -0.57 30.45
CA ASP B 112 0.70 0.60 29.95
C ASP B 112 0.86 0.62 28.43
N HIS B 113 0.37 1.67 27.76
CA HIS B 113 0.39 1.68 26.29
C HIS B 113 1.79 1.75 25.73
N ILE B 114 2.66 2.52 26.38
CA ILE B 114 4.02 2.58 25.86
C ILE B 114 4.73 1.21 25.93
N LYS B 115 4.44 0.41 26.97
CA LYS B 115 5.03 -0.93 27.08
C LYS B 115 4.46 -1.83 25.96
N LEU B 116 3.14 -1.75 25.75
CA LEU B 116 2.52 -2.48 24.61
C LEU B 116 3.23 -2.12 23.29
N LEU B 117 3.56 -0.84 23.09
CA LEU B 117 4.22 -0.43 21.85
C LEU B 117 5.66 -0.91 21.78
N GLN B 118 6.31 -1.12 22.93
CA GLN B 118 7.65 -1.75 22.94
C GLN B 118 7.57 -3.20 22.43
N TYR B 119 6.56 -3.94 22.89
CA TYR B 119 6.37 -5.31 22.38
C TYR B 119 6.01 -5.30 20.90
N THR B 120 5.16 -4.38 20.50
CA THR B 120 4.70 -4.22 19.12
C THR B 120 5.86 -3.99 18.14
N SER B 121 6.73 -3.05 18.54
CA SER B 121 7.93 -2.79 17.80
C SER B 121 8.81 -4.05 17.65
N GLN B 122 8.99 -4.81 18.73
CA GLN B 122 9.81 -6.00 18.65
C GLN B 122 9.18 -7.03 17.66
N ILE B 123 7.85 -7.15 17.66
CA ILE B 123 7.19 -8.09 16.75
C ILE B 123 7.38 -7.62 15.30
N CYS B 124 7.22 -6.33 15.05
CA CYS B 124 7.45 -5.80 13.68
C CYS B 124 8.86 -6.08 13.20
N LYS B 125 9.84 -5.90 14.08
CA LYS B 125 11.25 -6.12 13.70
C LYS B 125 11.56 -7.60 13.42
N GLY B 126 11.01 -8.50 14.25
CA GLY B 126 11.11 -9.93 13.94
C GLY B 126 10.49 -10.26 12.60
N MET B 127 9.33 -9.67 12.31
CA MET B 127 8.60 -9.91 11.04
C MET B 127 9.31 -9.27 9.82
N GLU B 128 9.94 -8.12 10.05
CA GLU B 128 10.75 -7.44 9.02
C GLU B 128 11.88 -8.37 8.62
N TYR B 129 12.58 -8.92 9.62
CA TYR B 129 13.62 -9.91 9.40
C TYR B 129 13.17 -11.19 8.63
N LEU B 130 12.03 -11.76 9.01
CA LEU B 130 11.41 -12.87 8.27
C LEU B 130 11.24 -12.55 6.78
N GLY B 131 10.73 -11.35 6.52
CA GLY B 131 10.52 -10.86 5.17
C GLY B 131 11.78 -10.88 4.32
N THR B 132 12.92 -10.60 4.93
CA THR B 132 14.20 -10.63 4.22
C THR B 132 14.63 -12.04 3.82
N LYS B 133 14.07 -13.06 4.46
CA LYS B 133 14.33 -14.46 4.10
C LYS B 133 13.25 -14.96 3.15
N ARG B 134 12.31 -14.08 2.80
CA ARG B 134 11.14 -14.43 2.01
C ARG B 134 10.33 -15.57 2.67
N TYR B 135 10.27 -15.54 4.01
CA TYR B 135 9.39 -16.45 4.78
C TYR B 135 8.07 -15.76 5.10
N ILE B 136 6.97 -16.49 4.95
CA ILE B 136 5.63 -16.00 5.30
C ILE B 136 5.18 -16.82 6.52
N HIS B 137 4.73 -16.14 7.58
CA HIS B 137 4.54 -16.78 8.90
C HIS B 137 3.22 -17.51 8.92
N ARG B 138 2.19 -16.83 8.43
CA ARG B 138 0.80 -17.35 8.30
C ARG B 138 0.04 -17.57 9.60
N ASP B 139 0.71 -17.44 10.74
CA ASP B 139 0.04 -17.75 12.01
C ASP B 139 0.28 -16.69 13.09
N LEU B 140 0.43 -15.42 12.70
CA LEU B 140 0.70 -14.38 13.69
C LEU B 140 -0.52 -14.16 14.58
N ALA B 141 -0.30 -14.32 15.89
CA ALA B 141 -1.36 -14.16 16.90
C ALA B 141 -0.62 -14.10 18.23
N THR B 142 -1.18 -13.43 19.21
CA THR B 142 -0.48 -13.33 20.52
C THR B 142 -0.22 -14.67 21.16
N ARG B 143 -1.02 -15.68 20.85
CA ARG B 143 -0.73 -16.99 21.47
C ARG B 143 0.59 -17.58 20.97
N ASN B 144 1.10 -17.07 19.84
CA ASN B 144 2.35 -17.59 19.27
C ASN B 144 3.52 -16.68 19.52
N ILE B 145 3.31 -15.65 20.34
CA ILE B 145 4.42 -14.79 20.75
C ILE B 145 4.77 -15.19 22.19
N LEU B 146 6.06 -15.30 22.51
CA LEU B 146 6.50 -15.75 23.83
C LEU B 146 7.20 -14.59 24.56
N VAL B 147 7.20 -14.64 25.88
CA VAL B 147 7.78 -13.57 26.69
C VAL B 147 9.04 -14.09 27.35
N GLU B 148 10.18 -13.50 26.98
CA GLU B 148 11.42 -13.86 27.65
C GLU B 148 11.56 -13.16 29.01
N ASN B 149 11.24 -11.87 29.06
CA ASN B 149 11.17 -11.14 30.30
C ASN B 149 10.28 -9.93 30.03
N GLU B 150 10.11 -9.04 31.02
CA GLU B 150 9.19 -7.95 30.85
C GLU B 150 9.57 -6.95 29.71
N ASN B 151 10.79 -7.04 29.20
CA ASN B 151 11.27 -6.14 28.12
C ASN B 151 11.52 -6.82 26.78
N ARG B 152 11.28 -8.14 26.72
CA ARG B 152 11.57 -8.83 25.47
C ARG B 152 10.58 -9.95 25.12
N VAL B 153 10.02 -9.87 23.93
CA VAL B 153 9.12 -10.89 23.38
C VAL B 153 9.75 -11.47 22.12
N LYS B 154 9.32 -12.69 21.78
CA LYS B 154 9.84 -13.38 20.60
C LYS B 154 8.75 -14.14 19.89
N ILE B 155 8.78 -14.11 18.55
CA ILE B 155 7.91 -14.97 17.73
C ILE B 155 8.34 -16.41 18.06
N GLY B 156 7.42 -17.23 18.57
CA GLY B 156 7.82 -18.51 19.23
C GLY B 156 7.45 -19.80 18.52
N ASP B 157 6.81 -19.69 17.36
CA ASP B 157 6.38 -20.88 16.61
C ASP B 157 6.31 -20.62 15.12
N PHE B 158 6.81 -21.57 14.35
CA PHE B 158 6.88 -21.44 12.91
C PHE B 158 6.24 -22.62 12.18
N GLY B 159 5.33 -23.30 12.86
CA GLY B 159 4.60 -24.47 12.32
C GLY B 159 3.92 -24.30 10.98
N LEU B 160 3.45 -23.08 10.66
CA LEU B 160 2.72 -22.85 9.42
C LEU B 160 3.55 -22.04 8.41
N THR B 161 4.78 -21.75 8.78
CA THR B 161 5.61 -20.83 7.99
C THR B 161 6.02 -21.45 6.65
N LYS B 162 5.82 -20.70 5.56
CA LYS B 162 6.15 -21.11 4.18
C LYS B 162 7.25 -20.19 3.60
N VAL B 163 8.07 -20.74 2.71
CA VAL B 163 9.06 -19.97 1.92
C VAL B 163 8.41 -19.59 0.61
N LEU B 164 8.47 -18.32 0.23
CA LEU B 164 7.93 -17.89 -1.07
C LEU B 164 8.64 -18.60 -2.22
N PRO B 165 7.89 -18.94 -3.30
CA PRO B 165 8.55 -19.38 -4.55
C PRO B 165 9.46 -18.28 -5.07
N GLN B 166 10.53 -18.67 -5.78
CA GLN B 166 11.55 -17.69 -6.27
C GLN B 166 10.98 -16.59 -7.17
N ASP B 167 9.84 -16.86 -7.79
CA ASP B 167 9.31 -15.99 -8.83
C ASP B 167 7.95 -15.37 -8.48
N LYS B 168 7.45 -15.63 -7.28
CA LYS B 168 6.15 -15.11 -6.90
C LYS B 168 6.20 -14.41 -5.53
N GLU B 169 5.27 -13.47 -5.34
CA GLU B 169 5.17 -12.72 -4.08
C GLU B 169 4.10 -13.28 -3.11
N PTR B 170 3.52 -14.43 -3.47
CA PTR B 170 2.53 -15.10 -2.62
C PTR B 170 2.71 -16.61 -2.71
O PTR B 170 3.40 -17.11 -3.60
CB PTR B 170 1.11 -14.63 -2.96
CG PTR B 170 0.66 -14.98 -4.36
CD1 PTR B 170 0.64 -14.00 -5.38
CD2 PTR B 170 0.23 -16.27 -4.68
CE1 PTR B 170 0.22 -14.32 -6.66
CE2 PTR B 170 -0.18 -16.60 -5.96
CZ PTR B 170 -0.19 -15.62 -6.95
OH PTR B 170 -0.57 -15.95 -8.09
P PTR B 170 -1.89 -15.37 -8.82
O1P PTR B 170 -2.35 -16.40 -9.77
O2P PTR B 170 -1.51 -14.08 -9.55
O3P PTR B 170 -3.03 -15.06 -7.82
N PTR B 171 2.08 -17.33 -1.76
CA PTR B 171 2.11 -18.79 -1.71
C PTR B 171 0.67 -19.22 -1.53
O PTR B 171 0.00 -18.73 -0.63
CB PTR B 171 2.93 -19.20 -0.49
CG PTR B 171 3.43 -20.63 -0.47
CD1 PTR B 171 2.58 -21.72 -0.26
CD2 PTR B 171 4.78 -20.90 -0.67
CE1 PTR B 171 3.06 -23.03 -0.24
CE2 PTR B 171 5.27 -22.19 -0.65
CZ PTR B 171 4.42 -23.26 -0.43
OH PTR B 171 4.98 -24.36 -0.44
P PTR B 171 4.26 -25.81 -0.34
O1P PTR B 171 5.35 -26.77 -0.10
O2P PTR B 171 3.53 -26.11 -1.65
O3P PTR B 171 3.24 -25.88 0.82
N LYS B 172 0.18 -20.09 -2.41
CA LYS B 172 -1.15 -20.66 -2.21
C LYS B 172 -0.98 -21.96 -1.43
N VAL B 173 -1.77 -22.13 -0.37
CA VAL B 173 -1.57 -23.29 0.49
C VAL B 173 -2.66 -24.34 0.28
N LYS B 174 -2.25 -25.55 -0.11
CA LYS B 174 -3.14 -26.73 -0.17
C LYS B 174 -3.02 -27.55 1.11
N GLU B 178 -8.09 -27.08 10.01
CA GLU B 178 -8.41 -26.02 10.97
C GLU B 178 -7.47 -24.84 10.70
N SER B 179 -8.05 -23.68 10.45
CA SER B 179 -7.29 -22.47 10.10
C SER B 179 -7.77 -21.33 11.01
N PRO B 180 -6.85 -20.44 11.45
CA PRO B 180 -7.25 -19.33 12.33
C PRO B 180 -7.91 -18.19 11.54
N ILE B 181 -9.15 -18.43 11.11
CA ILE B 181 -9.80 -17.58 10.12
C ILE B 181 -10.01 -16.14 10.58
N PHE B 182 -10.17 -15.93 11.89
CA PHE B 182 -10.46 -14.59 12.36
C PHE B 182 -9.18 -13.73 12.42
N TRP B 183 -8.04 -14.31 12.07
CA TRP B 183 -6.77 -13.57 11.86
C TRP B 183 -6.40 -13.38 10.36
N TYR B 184 -7.19 -14.01 9.48
CA TYR B 184 -6.82 -14.20 8.07
C TYR B 184 -7.22 -13.00 7.21
N ALA B 185 -6.30 -12.60 6.33
CA ALA B 185 -6.64 -11.60 5.33
C ALA B 185 -7.73 -12.14 4.37
N PRO B 186 -8.56 -11.25 3.78
CA PRO B 186 -9.61 -11.64 2.82
C PRO B 186 -9.13 -12.59 1.73
N GLU B 187 -7.97 -12.30 1.14
CA GLU B 187 -7.42 -13.15 0.07
C GLU B 187 -6.97 -14.52 0.56
N SER B 188 -6.61 -14.61 1.86
CA SER B 188 -6.30 -15.91 2.46
C SER B 188 -7.57 -16.74 2.62
N LEU B 189 -8.67 -16.08 3.02
CA LEU B 189 -9.95 -16.72 3.14
C LEU B 189 -10.50 -17.19 1.79
N THR B 190 -10.46 -16.33 0.77
CA THR B 190 -11.08 -16.65 -0.54
C THR B 190 -10.21 -17.59 -1.38
N GLU B 191 -8.89 -17.41 -1.38
CA GLU B 191 -8.02 -18.10 -2.31
C GLU B 191 -6.86 -18.80 -1.68
N SER B 192 -6.84 -18.90 -0.34
CA SER B 192 -5.70 -19.49 0.38
C SER B 192 -4.35 -18.89 -0.04
N LYS B 193 -4.39 -17.60 -0.35
CA LYS B 193 -3.22 -16.87 -0.79
C LYS B 193 -2.53 -16.20 0.40
N PHE B 194 -1.25 -16.53 0.63
CA PHE B 194 -0.44 -15.98 1.75
C PHE B 194 0.80 -15.23 1.26
N SER B 195 1.13 -14.15 1.97
CA SER B 195 2.20 -13.25 1.54
C SER B 195 2.62 -12.38 2.70
N VAL B 196 3.61 -11.53 2.46
CA VAL B 196 3.99 -10.55 3.44
C VAL B 196 2.79 -9.71 3.80
N ALA B 197 2.01 -9.29 2.81
CA ALA B 197 0.84 -8.46 3.09
C ALA B 197 -0.24 -9.19 3.93
N SER B 198 -0.36 -10.51 3.80
CA SER B 198 -1.35 -11.20 4.67
C SER B 198 -0.77 -11.31 6.10
N ASP B 199 0.55 -11.45 6.24
CA ASP B 199 1.18 -11.32 7.55
C ASP B 199 0.91 -9.97 8.19
N VAL B 200 0.92 -8.88 7.38
CA VAL B 200 0.62 -7.53 7.87
C VAL B 200 -0.80 -7.39 8.37
N TRP B 201 -1.73 -7.93 7.59
CA TRP B 201 -3.11 -8.04 8.02
C TRP B 201 -3.16 -8.73 9.41
N SER B 202 -2.48 -9.85 9.57
CA SER B 202 -2.61 -10.62 10.81
C SER B 202 -1.94 -9.84 11.93
N PHE B 203 -0.83 -9.18 11.60
CA PHE B 203 -0.20 -8.26 12.57
C PHE B 203 -1.16 -7.19 13.08
N GLY B 204 -1.98 -6.63 12.20
CA GLY B 204 -2.98 -5.70 12.64
C GLY B 204 -3.91 -6.33 13.72
N VAL B 205 -4.26 -7.60 13.53
CA VAL B 205 -5.13 -8.29 14.51
C VAL B 205 -4.34 -8.50 15.80
N VAL B 206 -3.04 -8.79 15.69
CA VAL B 206 -2.18 -8.92 16.89
C VAL B 206 -2.24 -7.62 17.72
N LEU B 207 -2.15 -6.48 17.02
CA LEU B 207 -2.11 -5.18 17.66
C LEU B 207 -3.45 -4.94 18.32
N TYR B 208 -4.55 -5.26 17.64
CA TYR B 208 -5.88 -5.26 18.25
C TYR B 208 -5.85 -6.15 19.53
N GLU B 209 -5.34 -7.38 19.46
CA GLU B 209 -5.37 -8.25 20.66
C GLU B 209 -4.65 -7.56 21.84
N LEU B 210 -3.45 -7.01 21.58
CA LEU B 210 -2.69 -6.32 22.64
C LEU B 210 -3.52 -5.20 23.28
N PHE B 211 -4.17 -4.38 22.47
CA PHE B 211 -4.90 -3.27 23.04
C PHE B 211 -6.22 -3.64 23.70
N THR B 212 -6.71 -4.87 23.51
CA THR B 212 -7.89 -5.33 24.27
C THR B 212 -7.46 -5.95 25.59
N TYR B 213 -6.15 -6.17 25.73
CA TYR B 213 -5.58 -6.88 26.88
C TYR B 213 -6.11 -8.30 27.05
N ILE B 214 -6.59 -8.88 25.94
CA ILE B 214 -7.17 -10.22 25.91
C ILE B 214 -8.40 -10.34 26.81
N GLU B 215 -9.18 -9.27 26.93
CA GLU B 215 -10.47 -9.32 27.62
C GLU B 215 -11.36 -10.32 26.86
N LYS B 216 -11.91 -11.30 27.57
CA LYS B 216 -12.55 -12.46 26.93
C LYS B 216 -13.57 -12.12 25.83
N SER B 217 -14.51 -11.25 26.15
CA SER B 217 -15.57 -10.91 25.21
C SER B 217 -15.11 -10.05 24.03
N LYS B 218 -13.83 -9.68 23.99
CA LYS B 218 -13.30 -8.75 22.98
C LYS B 218 -12.40 -9.41 21.96
N SER B 219 -12.20 -10.72 22.09
CA SER B 219 -11.35 -11.45 21.16
C SER B 219 -11.89 -11.33 19.73
N PRO B 220 -11.00 -11.50 18.72
CA PRO B 220 -11.45 -11.49 17.30
C PRO B 220 -12.59 -12.50 17.00
N PRO B 221 -12.45 -13.78 17.43
CA PRO B 221 -13.62 -14.68 17.18
C PRO B 221 -14.89 -14.12 17.80
N ALA B 222 -14.83 -13.66 19.05
CA ALA B 222 -16.02 -13.10 19.71
C ALA B 222 -16.63 -11.93 18.97
N GLU B 223 -15.81 -10.96 18.58
CA GLU B 223 -16.31 -9.76 17.89
C GLU B 223 -16.84 -10.04 16.46
N PHE B 224 -16.12 -10.86 15.69
CA PHE B 224 -16.60 -11.18 14.33
C PHE B 224 -17.92 -11.98 14.38
N MET B 225 -17.99 -13.00 15.26
CA MET B 225 -19.21 -13.78 15.47
C MET B 225 -20.38 -12.90 15.87
N ARG B 226 -20.11 -11.86 16.64
CA ARG B 226 -21.17 -10.93 17.02
C ARG B 226 -21.70 -10.16 15.81
N MET B 227 -20.82 -9.69 14.94
CA MET B 227 -21.30 -8.91 13.79
C MET B 227 -21.79 -9.76 12.62
N ILE B 228 -21.34 -11.00 12.57
CA ILE B 228 -21.84 -11.99 11.61
C ILE B 228 -23.19 -12.55 12.07
N GLY B 229 -23.37 -12.69 13.38
CA GLY B 229 -24.53 -13.39 13.94
C GLY B 229 -24.13 -14.73 14.50
N ASN B 230 -24.45 -14.96 15.77
CA ASN B 230 -24.03 -16.19 16.46
C ASN B 230 -24.73 -17.50 16.02
N ASP B 231 -25.77 -17.36 15.19
CA ASP B 231 -26.49 -18.49 14.62
C ASP B 231 -25.68 -19.29 13.57
N LYS B 232 -24.84 -18.61 12.80
CA LYS B 232 -24.03 -19.26 11.76
C LYS B 232 -23.08 -20.30 12.36
N GLN B 233 -22.93 -21.41 11.66
CA GLN B 233 -22.05 -22.50 12.06
C GLN B 233 -21.42 -23.11 10.81
N GLY B 234 -20.35 -23.87 11.03
CA GLY B 234 -19.66 -24.57 9.94
C GLY B 234 -19.10 -23.62 8.89
N GLN B 235 -19.01 -24.11 7.66
CA GLN B 235 -18.51 -23.32 6.52
C GLN B 235 -19.26 -22.01 6.30
N MET B 236 -20.52 -21.94 6.76
CA MET B 236 -21.28 -20.70 6.67
C MET B 236 -20.55 -19.50 7.30
N ILE B 237 -19.90 -19.72 8.45
CA ILE B 237 -19.11 -18.70 9.14
C ILE B 237 -18.10 -18.05 8.19
N VAL B 238 -17.27 -18.85 7.53
CA VAL B 238 -16.24 -18.36 6.62
C VAL B 238 -16.80 -17.49 5.47
N PHE B 239 -17.92 -17.90 4.89
CA PHE B 239 -18.54 -17.13 3.79
C PHE B 239 -19.13 -15.80 4.27
N HIS B 240 -19.74 -15.80 5.45
CA HIS B 240 -20.24 -14.53 6.02
C HIS B 240 -19.10 -13.59 6.43
N LEU B 241 -18.00 -14.17 6.88
CA LEU B 241 -16.82 -13.39 7.30
C LEU B 241 -16.24 -12.70 6.07
N ILE B 242 -16.09 -13.49 5.00
CA ILE B 242 -15.70 -12.98 3.68
C ILE B 242 -16.54 -11.77 3.24
N GLU B 243 -17.88 -11.90 3.31
CA GLU B 243 -18.78 -10.80 2.92
C GLU B 243 -18.66 -9.60 3.84
N LEU B 244 -18.55 -9.86 5.14
CA LEU B 244 -18.37 -8.79 6.12
C LEU B 244 -17.14 -7.93 5.78
N LEU B 245 -16.02 -8.61 5.57
CA LEU B 245 -14.76 -7.92 5.31
C LEU B 245 -14.78 -7.19 3.96
N LYS B 246 -15.34 -7.85 2.95
CA LYS B 246 -15.53 -7.25 1.63
C LYS B 246 -16.33 -5.95 1.75
N ASN B 247 -17.26 -5.90 2.68
CA ASN B 247 -18.05 -4.68 2.93
C ASN B 247 -17.46 -3.74 3.97
N ASN B 248 -16.15 -3.89 4.23
CA ASN B 248 -15.44 -3.09 5.25
C ASN B 248 -15.92 -3.20 6.69
N GLY B 249 -16.47 -4.36 7.06
CA GLY B 249 -16.66 -4.69 8.45
C GLY B 249 -15.28 -4.91 9.02
N ARG B 250 -15.01 -4.28 10.16
CA ARG B 250 -13.72 -4.39 10.84
C ARG B 250 -13.92 -4.54 12.35
N LEU B 251 -12.92 -5.09 13.03
CA LEU B 251 -12.91 -5.08 14.51
C LEU B 251 -12.99 -3.64 15.01
N PRO B 252 -13.66 -3.39 16.15
CA PRO B 252 -13.80 -2.01 16.61
C PRO B 252 -12.54 -1.51 17.33
N ARG B 253 -12.48 -0.22 17.62
CA ARG B 253 -11.38 0.33 18.39
C ARG B 253 -11.50 -0.21 19.81
N PRO B 254 -10.45 -0.88 20.31
CA PRO B 254 -10.55 -1.41 21.70
C PRO B 254 -10.79 -0.28 22.73
N ASP B 255 -11.40 -0.60 23.87
CA ASP B 255 -11.68 0.43 24.88
C ASP B 255 -10.37 1.02 25.35
N GLY B 256 -10.29 2.35 25.41
CA GLY B 256 -9.08 3.03 25.85
C GLY B 256 -7.96 3.13 24.82
N CYS B 257 -8.14 2.57 23.62
CA CYS B 257 -7.08 2.58 22.62
C CYS B 257 -6.93 3.94 21.93
N PRO B 258 -5.69 4.50 21.88
CA PRO B 258 -5.46 5.79 21.20
C PRO B 258 -5.82 5.70 19.72
N ASP B 259 -6.37 6.78 19.18
CA ASP B 259 -6.90 6.74 17.83
C ASP B 259 -5.79 6.47 16.84
N GLU B 260 -4.61 7.00 17.12
CA GLU B 260 -3.43 6.84 16.28
C GLU B 260 -2.97 5.37 16.19
N ILE B 261 -3.19 4.62 17.27
CA ILE B 261 -2.84 3.18 17.30
C ILE B 261 -3.91 2.39 16.54
N TYR B 262 -5.16 2.76 16.72
CA TYR B 262 -6.23 2.15 15.97
C TYR B 262 -6.08 2.36 14.48
N MET B 263 -5.60 3.56 14.09
CA MET B 263 -5.34 3.86 12.68
C MET B 263 -4.28 2.93 12.10
N ILE B 264 -3.30 2.53 12.91
CA ILE B 264 -2.35 1.54 12.44
C ILE B 264 -3.09 0.22 12.14
N MET B 265 -3.88 -0.27 13.10
CA MET B 265 -4.73 -1.46 12.86
C MET B 265 -5.51 -1.38 11.54
N THR B 266 -6.29 -0.29 11.35
CA THR B 266 -7.21 -0.21 10.21
C THR B 266 -6.49 -0.10 8.87
N GLU B 267 -5.27 0.44 8.92
CA GLU B 267 -4.39 0.50 7.77
C GLU B 267 -3.84 -0.88 7.39
N CYS B 268 -3.51 -1.67 8.41
CA CYS B 268 -3.10 -3.08 8.15
C CYS B 268 -4.26 -3.86 7.53
N TRP B 269 -5.48 -3.48 7.85
CA TRP B 269 -6.65 -4.24 7.38
C TRP B 269 -7.23 -3.69 6.09
N ASN B 270 -6.37 -3.36 5.14
CA ASN B 270 -6.83 -2.92 3.84
C ASN B 270 -7.14 -4.11 2.93
N ASN B 271 -8.32 -4.09 2.32
CA ASN B 271 -8.67 -5.10 1.29
C ASN B 271 -7.66 -5.20 0.17
N ASN B 272 -7.10 -4.07 -0.23
CA ASN B 272 -6.09 -4.12 -1.26
C ASN B 272 -4.72 -4.41 -0.62
N VAL B 273 -4.12 -5.56 -0.97
CA VAL B 273 -2.83 -5.95 -0.42
C VAL B 273 -1.75 -4.86 -0.63
N ASN B 274 -1.91 -4.06 -1.68
CA ASN B 274 -0.90 -3.07 -2.04
C ASN B 274 -1.01 -1.83 -1.18
N GLN B 275 -2.13 -1.68 -0.46
CA GLN B 275 -2.23 -0.57 0.50
C GLN B 275 -1.97 -0.90 1.97
N ARG B 276 -1.47 -2.10 2.24
CA ARG B 276 -1.06 -2.46 3.61
C ARG B 276 0.41 -2.01 3.78
N PRO B 277 0.75 -1.40 4.94
CA PRO B 277 2.15 -0.96 5.15
C PRO B 277 3.14 -2.10 5.17
N SER B 278 4.43 -1.81 5.02
CA SER B 278 5.44 -2.80 5.23
C SER B 278 5.75 -2.84 6.75
N PHE B 279 6.40 -3.92 7.20
CA PHE B 279 6.83 -4.05 8.59
C PHE B 279 7.92 -3.02 8.96
N ARG B 280 8.77 -2.70 7.98
CA ARG B 280 9.65 -1.53 8.11
C ARG B 280 8.88 -0.24 8.46
N ASP B 281 7.89 0.11 7.64
CA ASP B 281 7.03 1.28 7.87
C ASP B 281 6.40 1.18 9.26
N LEU B 282 5.91 -0.01 9.59
CA LEU B 282 5.22 -0.20 10.85
C LEU B 282 6.16 0.04 12.03
N ALA B 283 7.35 -0.55 11.99
CA ALA B 283 8.30 -0.40 13.09
C ALA B 283 8.64 1.10 13.32
N LEU B 284 8.94 1.80 12.21
CA LEU B 284 9.23 3.24 12.27
C LEU B 284 8.06 4.03 12.88
N ARG B 285 6.84 3.71 12.46
CA ARG B 285 5.68 4.44 12.89
C ARG B 285 5.41 4.21 14.39
N VAL B 286 5.56 2.96 14.82
CA VAL B 286 5.35 2.60 16.24
C VAL B 286 6.43 3.30 17.09
N ASP B 287 7.67 3.27 16.63
CA ASP B 287 8.76 3.90 17.35
C ASP B 287 8.56 5.40 17.46
N GLN B 288 7.96 6.01 16.42
CA GLN B 288 7.65 7.43 16.43
C GLN B 288 6.59 7.77 17.45
N ILE B 289 5.50 7.00 17.44
CA ILE B 289 4.47 7.14 18.46
C ILE B 289 5.07 6.97 19.86
N ARG B 290 5.94 5.98 20.05
CA ARG B 290 6.66 5.79 21.33
C ARG B 290 7.45 7.05 21.74
N ASP B 291 8.27 7.56 20.83
CA ASP B 291 8.99 8.82 21.03
C ASP B 291 8.08 9.97 21.42
N ASN B 292 6.93 10.11 20.76
CA ASN B 292 5.99 11.17 21.08
C ASN B 292 5.42 11.03 22.47
N MET B 293 5.11 9.79 22.84
CA MET B 293 4.53 9.53 24.14
C MET B 293 5.54 9.79 25.27
N ALA B 294 6.82 9.53 25.03
CA ALA B 294 7.86 9.72 26.02
C ALA B 294 8.31 11.19 26.09
N GLY B 295 8.13 11.92 25.00
CA GLY B 295 8.61 13.30 24.88
C GLY B 295 7.87 14.24 25.83
S1 NVB C . -10.91 13.93 -21.62
O2 NVB C . -11.91 13.07 -21.05
O3 NVB C . -11.34 15.10 -22.32
N4 NVB C . -10.01 14.38 -20.36
C6 NVB C . -9.80 13.43 -19.27
C10 NVB C . -9.77 13.04 -22.65
C11 NVB C . -10.20 11.88 -23.30
C13 NVB C . -9.34 11.18 -24.16
C15 NVB C . -8.00 11.61 -24.31
C16 NVB C . -7.55 12.76 -23.63
C18 NVB C . -8.43 13.49 -22.81
C20 NVB C . -7.05 10.90 -25.20
C21 NVB C . -7.05 9.51 -25.33
N22 NVB C . -7.91 8.76 -24.61
C23 NVB C . -7.87 7.40 -24.70
C24 NVB C . -6.96 6.78 -25.56
N26 NVB C . -6.10 7.54 -26.26
C27 NVB C . -6.11 8.88 -26.16
C28 NVB C . -5.20 9.66 -26.92
C30 NVB C . -5.21 11.06 -26.83
C32 NVB C . -6.13 11.67 -25.95
C34 NVB C . -8.87 6.65 -23.88
C35 NVB C . -9.61 7.32 -22.93
C37 NVB C . -10.58 6.63 -22.17
C38 NVB C . -10.82 5.27 -22.42
C39 NVB C . -10.10 4.61 -23.40
C40 NVB C . -9.11 5.31 -24.15
O42 NVB C . -10.35 3.26 -23.60
C43 NVB C . -9.36 2.33 -24.07
O47 NVB C . -11.78 4.59 -21.71
C48 NVB C . -13.15 4.66 -22.20
O52 NVB C . -11.32 7.24 -21.18
C53 NVB C . -11.11 8.61 -20.70
S1 NVB D . 1.78 -24.23 21.04
O2 NVB D . 0.99 -24.65 22.18
O3 NVB D . 2.00 -25.12 19.92
N4 NVB D . 1.22 -22.81 20.49
C6 NVB D . 0.85 -21.73 21.41
C10 NVB D . 3.41 -23.79 21.59
C11 NVB D . 3.82 -24.12 22.88
C13 NVB D . 5.10 -23.80 23.35
C15 NVB D . 5.97 -23.09 22.49
C16 NVB D . 5.55 -22.79 21.19
C18 NVB D . 4.27 -23.12 20.72
C20 NVB D . 7.37 -22.73 22.92
C21 NVB D . 7.69 -22.31 24.22
N22 NVB D . 6.73 -22.13 25.14
C23 NVB D . 7.05 -21.73 26.39
C24 NVB D . 8.37 -21.43 26.76
N26 NVB D . 9.34 -21.60 25.84
C27 NVB D . 9.03 -22.01 24.57
C28 NVB D . 10.05 -22.14 23.63
C30 NVB D . 9.75 -22.56 22.32
C32 NVB D . 8.42 -22.87 21.98
C34 NVB D . 5.92 -21.65 27.29
C35 NVB D . 4.61 -21.74 26.77
C37 NVB D . 3.52 -21.70 27.63
C38 NVB D . 3.74 -21.56 28.99
C39 NVB D . 5.03 -21.47 29.51
C40 NVB D . 6.15 -21.53 28.66
O42 NVB D . 5.12 -21.34 30.91
C43 NVB D . 6.36 -20.95 31.55
O47 NVB D . 2.67 -21.52 29.90
C48 NVB D . 2.19 -22.73 30.55
O52 NVB D . 2.19 -21.78 27.20
C53 NVB D . 1.83 -21.90 25.81
#